data_2E7U
#
_entry.id   2E7U
#
_cell.length_a   180.674
_cell.length_b   180.674
_cell.length_c   117.700
_cell.angle_alpha   90.00
_cell.angle_beta   90.00
_cell.angle_gamma   120.00
#
_symmetry.space_group_name_H-M   'H 3 2'
#
loop_
_entity.id
_entity.type
_entity.pdbx_description
1 polymer 'Glutamate-1-semialdehyde 2,1-aminomutase'
2 non-polymer 'SODIUM ION'
3 non-polymer "4'-DEOXY-4'-AMINOPYRIDOXAL-5'-PHOSPHATE"
4 non-polymer GLYCEROL
5 water water
#
_entity_poly.entity_id   1
_entity_poly.type   'polypeptide(L)'
_entity_poly.pdbx_seq_one_letter_code
;MERPISEAYFQEAKRHIPGGVSSPVRAFKAVGGTPPFLVRGEGAYVWDADGNRYLDYVMSWGPLILGHAHPKVLARVRET
LERGLTFGAPSPLEVALAKKVKRAYPFVDLVRFVNSGTEATMSALRLARGYTGRPYIVKFRGNYHGHADGLLVEAGSGAL
TLGVPSSAGVPEEYAKLTLVLEYNDPEGLREVLKRRGEEIAAIIFEPVVGNAGVLVPTEDFLKALHEAKAYGVLLIADEV
MTGFRLAFGGATELLGLKPDLVTLGKILGGGLPAAAYAGRREIMEKVAPLGPVYQAGTLSGNPLAMAAGLATLELLEENP
GYYAYLEDLGARLEAGLKEVLKEKGLPHTVNRVGSMITVFFTEGPVVTFQDARRTDTELFKRFFHGLLDRGIYWPPSNFE
AAFLSVAHREEDVEKTLEALRKAL
;
_entity_poly.pdbx_strand_id   A
#
# COMPACT_ATOMS: atom_id res chain seq x y z
N MET A 1 -18.06 16.14 18.23
CA MET A 1 -17.29 15.19 19.09
C MET A 1 -16.16 15.93 19.77
N GLU A 2 -16.00 15.75 21.07
CA GLU A 2 -14.94 16.44 21.80
C GLU A 2 -13.69 15.56 21.89
N ARG A 3 -12.52 16.16 21.65
CA ARG A 3 -11.27 15.42 21.88
C ARG A 3 -10.15 16.31 22.39
N PRO A 4 -10.43 16.85 23.59
CA PRO A 4 -9.52 17.76 24.31
C PRO A 4 -8.20 17.08 24.66
N ILE A 5 -8.21 15.81 25.00
CA ILE A 5 -6.95 15.16 25.36
C ILE A 5 -6.06 14.99 24.11
N SER A 6 -6.65 14.60 22.99
CA SER A 6 -5.87 14.46 21.76
C SER A 6 -5.32 15.82 21.36
N GLU A 7 -6.11 16.87 21.57
CA GLU A 7 -5.69 18.22 21.24
C GLU A 7 -4.45 18.59 22.04
N ALA A 8 -4.46 18.22 23.33
CA ALA A 8 -3.32 18.52 24.21
C ALA A 8 -2.11 17.69 23.76
N TYR A 9 -2.33 16.44 23.39
CA TYR A 9 -1.23 15.60 22.94
C TYR A 9 -0.61 16.12 21.64
N PHE A 10 -1.46 16.59 20.72
CA PHE A 10 -0.96 17.10 19.45
C PHE A 10 -0.12 18.35 19.65
N GLN A 11 -0.55 19.22 20.55
CA GLN A 11 0.20 20.44 20.83
C GLN A 11 1.56 20.08 21.44
N GLU A 12 1.56 19.10 22.35
CA GLU A 12 2.79 18.66 22.98
C GLU A 12 3.69 17.96 21.96
N ALA A 13 3.09 17.09 21.14
CA ALA A 13 3.84 16.35 20.13
C ALA A 13 4.64 17.28 19.21
N LYS A 14 4.03 18.40 18.82
CA LYS A 14 4.67 19.36 17.92
C LYS A 14 5.93 19.98 18.50
N ARG A 15 6.07 19.94 19.82
CA ARG A 15 7.26 20.49 20.46
C ARG A 15 8.45 19.54 20.37
N HIS A 16 8.18 18.27 20.10
CA HIS A 16 9.24 17.25 20.07
C HIS A 16 9.38 16.46 18.78
N ILE A 17 8.37 16.54 17.92
CA ILE A 17 8.36 15.79 16.65
C ILE A 17 7.92 16.73 15.53
N PRO A 18 8.60 16.69 14.37
CA PRO A 18 8.26 17.56 13.25
C PRO A 18 6.80 17.38 12.80
N GLY A 19 6.02 18.45 13.04
CA GLY A 19 4.61 18.39 12.68
C GLY A 19 3.80 17.55 13.66
N GLY A 20 4.48 17.05 14.70
CA GLY A 20 3.80 16.27 15.72
C GLY A 20 3.57 14.82 15.29
N VAL A 21 4.09 14.42 14.13
CA VAL A 21 3.85 13.08 13.60
C VAL A 21 5.06 12.38 13.01
N SER A 22 4.99 11.06 12.90
CA SER A 22 6.08 10.26 12.32
C SER A 22 5.94 10.11 10.82
N SER A 23 4.75 10.42 10.29
CA SER A 23 4.50 10.33 8.86
C SER A 23 3.55 11.47 8.50
N PRO A 24 3.90 12.27 7.48
CA PRO A 24 3.15 13.43 6.98
C PRO A 24 1.62 13.37 7.00
N VAL A 25 1.05 12.39 6.32
CA VAL A 25 -0.40 12.26 6.22
C VAL A 25 -1.13 12.23 7.57
N ARG A 26 -0.48 11.71 8.60
CA ARG A 26 -1.09 11.63 9.93
C ARG A 26 -1.37 13.00 10.54
N ALA A 27 -0.77 14.04 10.00
CA ALA A 27 -0.95 15.40 10.52
C ALA A 27 -2.26 16.09 10.13
N PHE A 28 -3.08 15.42 9.31
CA PHE A 28 -4.36 15.98 8.89
C PHE A 28 -4.29 17.29 8.08
N LYS A 29 -3.14 17.58 7.47
CA LYS A 29 -2.99 18.81 6.70
C LYS A 29 -3.97 18.89 5.52
N ALA A 30 -4.22 17.75 4.89
CA ALA A 30 -5.12 17.71 3.73
C ALA A 30 -6.58 17.94 4.08
N VAL A 31 -6.95 17.69 5.34
CA VAL A 31 -8.34 17.84 5.76
C VAL A 31 -8.55 18.87 6.88
N GLY A 32 -7.47 19.26 7.53
CA GLY A 32 -7.57 20.23 8.60
C GLY A 32 -8.00 19.58 9.91
N GLY A 33 -7.80 20.29 11.01
CA GLY A 33 -8.18 19.77 12.31
C GLY A 33 -7.07 19.02 13.01
N THR A 34 -7.38 18.53 14.21
CA THR A 34 -6.41 17.79 15.01
C THR A 34 -6.64 16.29 14.85
N PRO A 35 -5.57 15.54 14.58
CA PRO A 35 -5.75 14.10 14.43
C PRO A 35 -5.97 13.42 15.77
N PRO A 36 -6.92 12.49 15.84
CA PRO A 36 -7.16 11.79 17.11
C PRO A 36 -5.95 10.91 17.42
N PHE A 37 -5.52 10.89 18.68
CA PHE A 37 -4.43 10.01 19.09
C PHE A 37 -5.07 8.68 19.45
N LEU A 38 -4.80 7.66 18.64
CA LEU A 38 -5.37 6.33 18.85
C LEU A 38 -4.57 5.51 19.85
N VAL A 39 -5.28 4.90 20.81
CA VAL A 39 -4.62 4.13 21.85
C VAL A 39 -5.05 2.66 21.98
N ARG A 40 -6.14 2.29 21.33
CA ARG A 40 -6.63 0.93 21.42
C ARG A 40 -7.45 0.56 20.19
N GLY A 41 -7.42 -0.73 19.85
CA GLY A 41 -8.18 -1.20 18.71
C GLY A 41 -8.66 -2.63 18.93
N GLU A 42 -9.80 -2.94 18.34
CA GLU A 42 -10.37 -4.28 18.45
C GLU A 42 -11.31 -4.49 17.27
N GLY A 43 -11.02 -5.50 16.47
CA GLY A 43 -11.84 -5.77 15.31
C GLY A 43 -11.79 -4.60 14.34
N ALA A 44 -12.96 -4.09 14.00
CA ALA A 44 -13.05 -2.97 13.06
C ALA A 44 -13.16 -1.63 13.75
N TYR A 45 -12.93 -1.60 15.06
CA TYR A 45 -13.05 -0.37 15.83
C TYR A 45 -11.79 0.07 16.55
N VAL A 46 -11.67 1.38 16.74
CA VAL A 46 -10.53 1.99 17.42
C VAL A 46 -11.01 3.07 18.38
N TRP A 47 -10.21 3.33 19.42
CA TRP A 47 -10.53 4.34 20.42
C TRP A 47 -9.39 5.35 20.52
N ASP A 48 -9.74 6.63 20.69
CA ASP A 48 -8.72 7.67 20.84
C ASP A 48 -8.48 7.95 22.32
N ALA A 49 -7.57 8.88 22.59
CA ALA A 49 -7.23 9.24 23.96
C ALA A 49 -8.37 9.81 24.78
N ASP A 50 -9.44 10.24 24.12
CA ASP A 50 -10.60 10.79 24.81
C ASP A 50 -11.72 9.77 24.99
N GLY A 51 -11.45 8.52 24.64
CA GLY A 51 -12.45 7.48 24.79
C GLY A 51 -13.45 7.37 23.65
N ASN A 52 -13.29 8.19 22.62
CA ASN A 52 -14.19 8.14 21.48
C ASN A 52 -13.96 6.88 20.67
N ARG A 53 -15.04 6.23 20.27
CA ARG A 53 -14.98 5.00 19.49
C ARG A 53 -15.26 5.31 18.03
N TYR A 54 -14.48 4.72 17.12
CA TYR A 54 -14.65 4.94 15.69
C TYR A 54 -14.65 3.63 14.90
N LEU A 55 -15.47 3.58 13.85
CA LEU A 55 -15.47 2.43 12.96
C LEU A 55 -14.23 2.80 12.13
N ASP A 56 -13.27 1.90 12.05
CA ASP A 56 -11.97 2.20 11.42
C ASP A 56 -11.91 1.72 9.96
N TYR A 57 -11.74 2.69 9.03
CA TYR A 57 -11.56 2.35 7.61
C TYR A 57 -10.10 2.56 7.16
N VAL A 58 -9.28 3.07 8.10
CA VAL A 58 -7.86 3.21 7.81
C VAL A 58 -7.11 1.90 8.08
N MET A 59 -7.43 1.29 9.22
CA MET A 59 -6.86 0.00 9.61
C MET A 59 -5.33 -0.03 9.47
N SER A 60 -4.70 1.02 9.98
CA SER A 60 -3.26 1.19 9.95
C SER A 60 -2.65 1.12 8.55
N TRP A 61 -3.45 1.50 7.57
CA TRP A 61 -3.04 1.53 6.17
C TRP A 61 -2.79 0.21 5.45
N GLY A 62 -3.51 -0.85 5.82
CA GLY A 62 -3.37 -2.10 5.11
C GLY A 62 -3.00 -3.40 5.80
N PRO A 63 -2.15 -3.36 6.85
CA PRO A 63 -1.77 -4.63 7.50
C PRO A 63 -2.89 -5.38 8.21
N LEU A 64 -3.90 -4.67 8.68
CA LEU A 64 -4.96 -5.28 9.45
C LEU A 64 -6.18 -5.85 8.74
N ILE A 65 -5.93 -6.73 7.78
CA ILE A 65 -7.02 -7.36 7.04
C ILE A 65 -7.89 -8.23 7.96
N LEU A 66 -7.25 -8.78 9.01
CA LEU A 66 -8.00 -9.59 9.98
C LEU A 66 -8.60 -8.74 11.11
N GLY A 67 -8.40 -7.42 11.00
CA GLY A 67 -8.92 -6.53 12.04
C GLY A 67 -7.90 -6.25 13.13
N HIS A 68 -8.22 -5.31 14.02
CA HIS A 68 -7.34 -4.96 15.13
C HIS A 68 -7.26 -6.07 16.17
N ALA A 69 -6.06 -6.25 16.72
CA ALA A 69 -5.82 -7.23 17.77
C ALA A 69 -6.49 -8.60 17.61
N HIS A 70 -6.28 -9.26 16.48
CA HIS A 70 -6.88 -10.57 16.30
C HIS A 70 -6.25 -11.50 17.37
N PRO A 71 -7.10 -12.21 18.13
CA PRO A 71 -6.67 -13.13 19.20
C PRO A 71 -5.57 -14.11 18.85
N LYS A 72 -5.68 -14.77 17.70
CA LYS A 72 -4.69 -15.74 17.28
C LYS A 72 -3.34 -15.11 16.97
N VAL A 73 -3.38 -13.94 16.34
CA VAL A 73 -2.16 -13.23 15.99
C VAL A 73 -1.46 -12.75 17.26
N LEU A 74 -2.22 -12.15 18.17
CA LEU A 74 -1.63 -11.67 19.42
C LEU A 74 -1.05 -12.82 20.23
N ALA A 75 -1.73 -13.97 20.20
CA ALA A 75 -1.25 -15.12 20.96
C ALA A 75 0.12 -15.56 20.46
N ARG A 76 0.30 -15.58 19.14
CA ARG A 76 1.57 -15.98 18.57
C ARG A 76 2.68 -14.99 18.96
N VAL A 77 2.36 -13.70 18.96
CA VAL A 77 3.35 -12.69 19.33
C VAL A 77 3.70 -12.83 20.82
N ARG A 78 2.69 -13.05 21.66
CA ARG A 78 2.91 -13.21 23.10
C ARG A 78 3.89 -14.35 23.37
N GLU A 79 3.68 -15.47 22.70
CA GLU A 79 4.54 -16.64 22.88
C GLU A 79 5.98 -16.34 22.45
N THR A 80 6.12 -15.72 21.30
CA THR A 80 7.43 -15.41 20.75
C THR A 80 8.25 -14.41 21.57
N LEU A 81 7.62 -13.34 22.03
CA LEU A 81 8.35 -12.33 22.78
C LEU A 81 9.02 -12.84 24.05
N GLU A 82 8.44 -13.85 24.69
CA GLU A 82 9.03 -14.38 25.91
C GLU A 82 10.43 -14.94 25.68
N ARG A 83 10.69 -15.43 24.47
CA ARG A 83 12.00 -16.00 24.15
C ARG A 83 13.07 -14.95 23.86
N GLY A 84 12.64 -13.71 23.61
CA GLY A 84 13.58 -12.65 23.30
C GLY A 84 13.05 -11.83 22.14
N LEU A 85 13.31 -10.53 22.13
CA LEU A 85 12.81 -9.66 21.07
C LEU A 85 13.61 -9.68 19.76
N THR A 86 14.88 -10.05 19.82
CA THR A 86 15.74 -10.07 18.63
C THR A 86 17.01 -10.88 18.87
N PHE A 87 17.58 -11.44 17.80
CA PHE A 87 18.78 -12.26 17.93
C PHE A 87 19.90 -11.91 16.96
N GLY A 88 19.54 -11.38 15.79
CA GLY A 88 20.55 -11.02 14.81
C GLY A 88 21.20 -12.23 14.19
N ALA A 89 20.47 -13.34 14.18
CA ALA A 89 20.94 -14.60 13.63
C ALA A 89 19.78 -15.32 12.96
N PRO A 90 20.06 -16.37 12.19
CA PRO A 90 18.97 -17.08 11.51
C PRO A 90 17.94 -17.61 12.52
N SER A 91 16.69 -17.67 12.09
CA SER A 91 15.62 -18.14 12.96
C SER A 91 14.69 -19.08 12.22
N PRO A 92 14.12 -20.08 12.92
CA PRO A 92 13.22 -20.99 12.22
C PRO A 92 11.98 -20.22 11.71
N LEU A 93 11.63 -19.14 12.40
CA LEU A 93 10.47 -18.33 12.01
C LEU A 93 10.59 -17.71 10.62
N GLU A 94 11.78 -17.23 10.30
CA GLU A 94 12.02 -16.61 8.98
C GLU A 94 11.82 -17.65 7.87
N VAL A 95 12.33 -18.85 8.09
CA VAL A 95 12.18 -19.92 7.11
C VAL A 95 10.70 -20.24 6.93
N ALA A 96 9.96 -20.27 8.03
CA ALA A 96 8.54 -20.58 7.97
C ALA A 96 7.77 -19.53 7.18
N LEU A 97 8.05 -18.25 7.45
CA LEU A 97 7.34 -17.18 6.74
C LEU A 97 7.72 -17.15 5.26
N ALA A 98 8.98 -17.41 4.95
CA ALA A 98 9.42 -17.43 3.57
C ALA A 98 8.67 -18.52 2.81
N LYS A 99 8.49 -19.68 3.43
CA LYS A 99 7.76 -20.78 2.78
C LYS A 99 6.31 -20.39 2.53
N LYS A 100 5.71 -19.66 3.47
CA LYS A 100 4.33 -19.22 3.32
C LYS A 100 4.22 -18.27 2.14
N VAL A 101 5.19 -17.36 2.01
CA VAL A 101 5.19 -16.43 0.89
C VAL A 101 5.25 -17.20 -0.42
N LYS A 102 6.07 -18.25 -0.45
CA LYS A 102 6.22 -19.07 -1.65
C LYS A 102 4.95 -19.85 -1.99
N ARG A 103 4.09 -20.08 -1.01
CA ARG A 103 2.84 -20.79 -1.28
C ARG A 103 1.87 -19.80 -1.94
N ALA A 104 1.95 -18.54 -1.52
CA ALA A 104 1.10 -17.49 -2.06
C ALA A 104 1.58 -17.05 -3.43
N TYR A 105 2.90 -17.14 -3.65
CA TYR A 105 3.52 -16.73 -4.91
C TYR A 105 4.37 -17.85 -5.50
N PRO A 106 3.73 -18.79 -6.21
CA PRO A 106 4.38 -19.93 -6.85
C PRO A 106 5.60 -19.64 -7.72
N PHE A 107 5.63 -18.49 -8.39
CA PHE A 107 6.76 -18.16 -9.25
C PHE A 107 8.05 -17.88 -8.47
N VAL A 108 7.88 -17.54 -7.20
CA VAL A 108 9.02 -17.21 -6.33
C VAL A 108 9.84 -18.41 -5.86
N ASP A 109 11.16 -18.25 -5.84
CA ASP A 109 12.07 -19.29 -5.35
C ASP A 109 12.70 -18.80 -4.06
N LEU A 110 13.13 -17.55 -4.05
CA LEU A 110 13.80 -16.97 -2.88
C LEU A 110 13.16 -15.68 -2.37
N VAL A 111 13.13 -15.56 -1.06
CA VAL A 111 12.53 -14.40 -0.39
C VAL A 111 13.52 -13.74 0.57
N ARG A 112 13.67 -12.42 0.47
CA ARG A 112 14.56 -11.70 1.36
C ARG A 112 13.75 -10.69 2.17
N PHE A 113 13.75 -10.86 3.49
CA PHE A 113 13.01 -9.97 4.38
C PHE A 113 13.79 -8.71 4.71
N VAL A 114 13.07 -7.59 4.77
CA VAL A 114 13.64 -6.28 5.12
C VAL A 114 12.67 -5.64 6.12
N ASN A 115 12.98 -4.44 6.62
CA ASN A 115 12.12 -3.81 7.61
C ASN A 115 11.00 -2.89 7.12
N SER A 116 11.02 -2.50 5.86
CA SER A 116 9.98 -1.60 5.38
C SER A 116 9.79 -1.68 3.88
N GLY A 117 8.65 -1.18 3.42
CA GLY A 117 8.37 -1.19 2.00
C GLY A 117 9.42 -0.39 1.26
N THR A 118 9.85 0.72 1.86
CA THR A 118 10.87 1.58 1.25
C THR A 118 12.15 0.78 0.99
N GLU A 119 12.56 -0.03 1.97
CA GLU A 119 13.76 -0.83 1.80
C GLU A 119 13.55 -1.94 0.77
N ALA A 120 12.35 -2.52 0.76
CA ALA A 120 12.04 -3.59 -0.18
C ALA A 120 12.12 -3.13 -1.63
N THR A 121 11.49 -2.00 -1.93
CA THR A 121 11.50 -1.49 -3.30
C THR A 121 12.88 -0.97 -3.70
N MET A 122 13.57 -0.33 -2.77
CA MET A 122 14.90 0.18 -3.03
C MET A 122 15.84 -0.99 -3.40
N SER A 123 15.71 -2.10 -2.67
CA SER A 123 16.53 -3.27 -2.92
C SER A 123 16.16 -3.95 -4.23
N ALA A 124 14.86 -4.05 -4.51
CA ALA A 124 14.39 -4.69 -5.73
C ALA A 124 14.86 -3.96 -6.99
N LEU A 125 14.82 -2.63 -6.94
CA LEU A 125 15.27 -1.84 -8.10
C LEU A 125 16.79 -2.02 -8.29
N ARG A 126 17.53 -2.01 -7.19
CA ARG A 126 18.98 -2.20 -7.25
C ARG A 126 19.27 -3.59 -7.83
N LEU A 127 18.49 -4.57 -7.40
CA LEU A 127 18.64 -5.94 -7.88
C LEU A 127 18.39 -6.02 -9.39
N ALA A 128 17.33 -5.35 -9.85
CA ALA A 128 17.01 -5.35 -11.28
C ALA A 128 18.16 -4.75 -12.08
N ARG A 129 18.71 -3.65 -11.59
CA ARG A 129 19.82 -3.00 -12.27
C ARG A 129 21.04 -3.89 -12.30
N GLY A 130 21.27 -4.59 -11.19
CA GLY A 130 22.42 -5.48 -11.09
C GLY A 130 22.29 -6.67 -12.00
N TYR A 131 21.09 -7.23 -12.08
CA TYR A 131 20.82 -8.38 -12.91
C TYR A 131 20.93 -8.06 -14.41
N THR A 132 20.28 -6.97 -14.82
CA THR A 132 20.28 -6.59 -16.23
C THR A 132 21.54 -5.81 -16.64
N GLY A 133 22.13 -5.10 -15.66
CA GLY A 133 23.26 -4.24 -15.97
C GLY A 133 22.82 -2.92 -16.61
N ARG A 134 21.48 -2.68 -16.56
CA ARG A 134 20.93 -1.45 -17.15
C ARG A 134 20.73 -0.37 -16.09
N PRO A 135 20.85 0.90 -16.49
CA PRO A 135 20.68 2.06 -15.59
C PRO A 135 19.29 2.63 -15.31
N TYR A 136 18.39 2.59 -16.28
CA TYR A 136 17.07 3.17 -16.10
C TYR A 136 15.97 2.32 -15.48
N ILE A 137 15.09 2.97 -14.73
CA ILE A 137 13.94 2.30 -14.13
C ILE A 137 12.72 3.19 -14.42
N VAL A 138 11.58 2.56 -14.58
CA VAL A 138 10.34 3.25 -14.86
C VAL A 138 9.37 3.18 -13.70
N LYS A 139 8.76 4.32 -13.35
CA LYS A 139 7.73 4.35 -12.31
C LYS A 139 6.58 5.13 -12.92
N PHE A 140 5.39 4.99 -12.35
CA PHE A 140 4.21 5.67 -12.88
C PHE A 140 3.71 6.78 -11.95
N ARG A 141 3.10 7.79 -12.55
CA ARG A 141 2.57 8.91 -11.78
C ARG A 141 1.53 8.39 -10.78
N GLY A 142 1.48 8.99 -9.61
CA GLY A 142 0.52 8.59 -8.61
C GLY A 142 0.90 7.35 -7.82
N ASN A 143 1.85 6.56 -8.33
CA ASN A 143 2.28 5.36 -7.61
C ASN A 143 3.35 5.74 -6.59
N TYR A 144 3.34 5.08 -5.44
CA TYR A 144 4.31 5.36 -4.39
C TYR A 144 4.88 4.03 -3.94
N HIS A 145 6.21 3.96 -3.85
CA HIS A 145 6.90 2.74 -3.47
C HIS A 145 7.85 2.93 -2.30
N GLY A 146 7.84 4.12 -1.72
CA GLY A 146 8.73 4.41 -0.61
C GLY A 146 9.50 5.68 -0.92
N HIS A 147 10.29 6.15 0.04
CA HIS A 147 11.01 7.40 -0.18
C HIS A 147 12.47 7.31 -0.59
N ALA A 148 12.85 6.28 -1.33
CA ALA A 148 14.23 6.19 -1.82
C ALA A 148 14.36 7.44 -2.70
N ASP A 149 15.47 8.15 -2.59
CA ASP A 149 15.68 9.37 -3.36
C ASP A 149 15.34 9.30 -4.85
N GLY A 150 15.77 8.24 -5.52
CA GLY A 150 15.48 8.09 -6.93
C GLY A 150 14.00 7.98 -7.27
N LEU A 151 13.17 7.74 -6.26
CA LEU A 151 11.74 7.61 -6.48
C LEU A 151 10.99 8.90 -6.12
N LEU A 152 11.66 9.82 -5.45
CA LEU A 152 11.04 11.08 -5.08
C LEU A 152 11.13 12.02 -6.28
N VAL A 153 10.41 11.65 -7.34
CA VAL A 153 10.40 12.44 -8.56
C VAL A 153 8.99 12.59 -9.13
N GLU A 154 8.84 13.60 -9.98
CA GLU A 154 7.57 13.88 -10.62
C GLU A 154 7.88 14.09 -12.10
N ALA A 155 6.85 14.08 -12.93
CA ALA A 155 7.04 14.29 -14.36
C ALA A 155 7.51 15.71 -14.61
N GLY A 156 8.42 15.87 -15.58
CA GLY A 156 8.90 17.19 -15.94
C GLY A 156 7.94 17.74 -16.98
N SER A 157 7.95 19.05 -17.21
CA SER A 157 7.03 19.65 -18.17
C SER A 157 7.41 19.51 -19.63
N GLY A 158 8.65 19.07 -19.90
CA GLY A 158 9.11 18.92 -21.27
C GLY A 158 8.98 17.53 -21.88
N ALA A 159 9.57 17.36 -23.07
CA ALA A 159 9.51 16.10 -23.79
C ALA A 159 10.29 14.93 -23.17
N LEU A 160 11.29 15.22 -22.34
CA LEU A 160 12.03 14.13 -21.69
C LEU A 160 11.13 13.41 -20.68
N THR A 161 11.28 12.07 -20.60
CA THR A 161 10.53 11.35 -19.58
C THR A 161 11.28 11.28 -18.24
N LEU A 162 12.54 11.77 -18.24
CA LEU A 162 13.30 11.77 -16.98
C LEU A 162 12.54 12.48 -15.88
N GLY A 163 12.55 11.93 -14.68
CA GLY A 163 11.85 12.60 -13.59
C GLY A 163 12.64 13.78 -13.07
N VAL A 164 11.94 14.68 -12.38
CA VAL A 164 12.58 15.82 -11.75
C VAL A 164 12.26 15.70 -10.28
N PRO A 165 13.22 16.08 -9.41
CA PRO A 165 13.01 15.99 -7.97
C PRO A 165 11.70 16.62 -7.52
N SER A 166 10.93 15.82 -6.76
CA SER A 166 9.67 16.29 -6.21
C SER A 166 9.78 16.67 -4.71
N SER A 167 10.99 16.45 -4.17
CA SER A 167 11.32 16.81 -2.80
C SER A 167 12.65 17.56 -2.80
N ALA A 168 12.78 18.40 -1.79
CA ALA A 168 14.00 19.16 -1.59
C ALA A 168 15.03 18.14 -1.10
N GLY A 169 16.31 18.43 -1.29
CA GLY A 169 17.34 17.51 -0.84
C GLY A 169 17.62 16.36 -1.79
N VAL A 170 16.93 16.33 -2.92
CA VAL A 170 17.13 15.26 -3.90
C VAL A 170 17.83 15.85 -5.12
N PRO A 171 19.12 15.55 -5.31
CA PRO A 171 19.89 16.05 -6.45
C PRO A 171 19.37 15.56 -7.79
N GLU A 172 19.55 16.38 -8.82
CA GLU A 172 19.10 16.01 -10.16
C GLU A 172 19.76 14.70 -10.59
N GLU A 173 21.00 14.49 -10.13
CA GLU A 173 21.73 13.27 -10.46
C GLU A 173 21.01 12.01 -10.03
N TYR A 174 20.31 12.07 -8.89
CA TYR A 174 19.58 10.91 -8.38
C TYR A 174 18.24 10.71 -9.07
N ALA A 175 17.74 11.76 -9.72
CA ALA A 175 16.44 11.69 -10.37
C ALA A 175 16.48 11.34 -11.86
N LYS A 176 17.61 11.64 -12.50
CA LYS A 176 17.76 11.46 -13.95
C LYS A 176 17.77 10.00 -14.48
N LEU A 177 17.80 8.99 -13.58
CA LEU A 177 17.75 7.61 -14.09
C LEU A 177 16.38 6.97 -13.87
N THR A 178 15.43 7.82 -13.42
CA THR A 178 14.05 7.35 -13.26
C THR A 178 13.15 7.98 -14.31
N LEU A 179 12.48 7.15 -15.09
CA LEU A 179 11.56 7.64 -16.12
C LEU A 179 10.17 7.64 -15.51
N VAL A 180 9.44 8.73 -15.70
CA VAL A 180 8.09 8.85 -15.14
C VAL A 180 7.04 8.78 -16.24
N LEU A 181 6.20 7.76 -16.19
CA LEU A 181 5.14 7.59 -17.18
C LEU A 181 3.79 7.67 -16.50
N GLU A 182 2.73 7.85 -17.28
CA GLU A 182 1.39 7.95 -16.73
C GLU A 182 0.83 6.55 -16.54
N TYR A 183 0.14 6.35 -15.41
CA TYR A 183 -0.46 5.05 -15.11
C TYR A 183 -1.62 4.85 -16.08
N ASN A 184 -1.83 3.61 -16.51
CA ASN A 184 -2.90 3.28 -17.44
C ASN A 184 -2.77 4.01 -18.78
N ASP A 185 -1.53 4.13 -19.26
CA ASP A 185 -1.26 4.76 -20.55
C ASP A 185 -0.38 3.78 -21.33
N PRO A 186 -0.99 2.72 -21.87
CA PRO A 186 -0.27 1.70 -22.64
C PRO A 186 0.46 2.23 -23.87
N GLU A 187 -0.14 3.20 -24.55
CA GLU A 187 0.48 3.76 -25.75
C GLU A 187 1.80 4.44 -25.36
N GLY A 188 1.76 5.22 -24.28
CA GLY A 188 2.96 5.90 -23.84
C GLY A 188 4.05 4.91 -23.44
N LEU A 189 3.65 3.83 -22.77
CA LEU A 189 4.61 2.80 -22.35
C LEU A 189 5.22 2.07 -23.54
N ARG A 190 4.39 1.70 -24.52
CA ARG A 190 4.90 1.00 -25.69
C ARG A 190 5.89 1.89 -26.44
N GLU A 191 5.63 3.19 -26.45
CA GLU A 191 6.50 4.15 -27.11
C GLU A 191 7.87 4.24 -26.43
N VAL A 192 7.89 4.28 -25.10
CA VAL A 192 9.13 4.35 -24.36
C VAL A 192 9.97 3.08 -24.59
N LEU A 193 9.30 1.94 -24.67
CA LEU A 193 10.00 0.68 -24.91
C LEU A 193 10.65 0.71 -26.28
N LYS A 194 9.95 1.27 -27.26
CA LYS A 194 10.47 1.37 -28.61
C LYS A 194 11.68 2.31 -28.64
N ARG A 195 11.61 3.38 -27.85
CA ARG A 195 12.69 4.35 -27.79
C ARG A 195 13.94 3.78 -27.13
N ARG A 196 13.77 3.14 -25.99
CA ARG A 196 14.93 2.61 -25.28
C ARG A 196 14.66 1.47 -24.31
N GLY A 197 13.77 0.56 -24.68
CA GLY A 197 13.47 -0.55 -23.79
C GLY A 197 14.69 -1.35 -23.38
N GLU A 198 15.69 -1.42 -24.25
CA GLU A 198 16.88 -2.22 -23.96
C GLU A 198 17.83 -1.61 -22.90
N GLU A 199 17.56 -0.35 -22.50
CA GLU A 199 18.39 0.24 -21.44
C GLU A 199 17.62 0.46 -20.13
N ILE A 200 16.38 -0.09 -20.11
CA ILE A 200 15.58 -0.04 -18.90
C ILE A 200 15.70 -1.35 -18.10
N ALA A 201 16.17 -1.25 -16.87
CA ALA A 201 16.34 -2.43 -16.02
C ALA A 201 15.02 -2.97 -15.49
N ALA A 202 14.10 -2.07 -15.15
CA ALA A 202 12.83 -2.51 -14.60
C ALA A 202 11.72 -1.49 -14.63
N ILE A 203 10.50 -1.99 -14.53
CA ILE A 203 9.30 -1.17 -14.45
C ILE A 203 8.67 -1.59 -13.13
N ILE A 204 8.48 -0.64 -12.21
CA ILE A 204 7.85 -0.98 -10.94
C ILE A 204 6.46 -0.34 -10.97
N PHE A 205 5.48 -1.00 -10.36
CA PHE A 205 4.13 -0.46 -10.39
C PHE A 205 3.23 -1.11 -9.35
N GLU A 206 2.21 -0.37 -8.93
CA GLU A 206 1.22 -0.91 -8.00
C GLU A 206 0.19 -1.57 -8.92
N PRO A 207 -0.03 -2.90 -8.77
CA PRO A 207 -0.97 -3.67 -9.59
C PRO A 207 -2.36 -3.04 -9.56
N VAL A 208 -2.73 -2.55 -8.38
CA VAL A 208 -3.97 -1.82 -8.18
C VAL A 208 -3.44 -0.69 -7.33
N VAL A 209 -3.49 0.53 -7.86
CA VAL A 209 -2.98 1.68 -7.14
C VAL A 209 -3.80 1.99 -5.90
N GLY A 210 -3.12 2.43 -4.85
CA GLY A 210 -3.79 2.91 -3.65
C GLY A 210 -3.29 4.29 -3.18
N ASN A 211 -2.05 4.63 -3.58
CA ASN A 211 -1.45 5.84 -2.98
C ASN A 211 -1.86 7.13 -3.73
N ALA A 212 -2.62 6.95 -4.82
CA ALA A 212 -3.29 8.11 -5.41
C ALA A 212 -4.81 7.95 -5.30
N GLY A 213 -5.24 7.15 -4.30
CA GLY A 213 -6.59 6.62 -4.33
C GLY A 213 -6.60 5.41 -5.26
N VAL A 214 -7.73 4.66 -5.27
CA VAL A 214 -7.73 3.42 -6.06
C VAL A 214 -7.81 3.69 -7.57
N LEU A 215 -6.86 3.13 -8.32
CA LEU A 215 -6.84 3.20 -9.78
C LEU A 215 -6.72 1.74 -10.21
N VAL A 216 -7.61 1.30 -11.09
CA VAL A 216 -7.60 -0.08 -11.57
C VAL A 216 -6.95 -0.15 -12.95
N PRO A 217 -5.98 -1.06 -13.12
CA PRO A 217 -5.29 -1.20 -14.40
C PRO A 217 -6.20 -1.77 -15.49
N THR A 218 -6.11 -1.21 -16.69
CA THR A 218 -6.91 -1.68 -17.80
C THR A 218 -6.25 -2.92 -18.36
N GLU A 219 -7.02 -3.72 -19.10
CA GLU A 219 -6.49 -4.93 -19.71
C GLU A 219 -5.31 -4.61 -20.63
N ASP A 220 -5.43 -3.54 -21.40
CA ASP A 220 -4.35 -3.18 -22.32
C ASP A 220 -3.10 -2.65 -21.61
N PHE A 221 -3.29 -1.97 -20.48
CA PHE A 221 -2.14 -1.46 -19.74
C PHE A 221 -1.36 -2.66 -19.19
N LEU A 222 -2.09 -3.65 -18.66
CA LEU A 222 -1.46 -4.86 -18.13
C LEU A 222 -0.72 -5.58 -19.25
N LYS A 223 -1.31 -5.58 -20.44
CA LYS A 223 -0.69 -6.23 -21.59
C LYS A 223 0.63 -5.54 -21.95
N ALA A 224 0.62 -4.21 -22.00
CA ALA A 224 1.81 -3.44 -22.33
C ALA A 224 2.92 -3.68 -21.30
N LEU A 225 2.53 -3.77 -20.03
CA LEU A 225 3.51 -4.01 -18.97
C LEU A 225 4.25 -5.32 -19.20
N HIS A 226 3.54 -6.38 -19.54
CA HIS A 226 4.19 -7.66 -19.76
C HIS A 226 4.96 -7.68 -21.09
N GLU A 227 4.56 -6.82 -22.02
CA GLU A 227 5.27 -6.74 -23.30
C GLU A 227 6.69 -6.25 -23.07
N ALA A 228 6.89 -5.47 -22.01
CA ALA A 228 8.21 -4.93 -21.69
C ALA A 228 9.21 -6.05 -21.42
N LYS A 229 8.71 -7.19 -20.98
CA LYS A 229 9.56 -8.33 -20.66
C LYS A 229 10.34 -8.81 -21.88
N ALA A 230 9.76 -8.66 -23.06
CA ALA A 230 10.42 -9.09 -24.30
C ALA A 230 11.65 -8.23 -24.60
N TYR A 231 11.70 -7.05 -23.99
CA TYR A 231 12.82 -6.13 -24.16
C TYR A 231 13.93 -6.39 -23.14
N GLY A 232 13.72 -7.40 -22.29
CA GLY A 232 14.71 -7.72 -21.27
C GLY A 232 14.48 -6.95 -19.99
N VAL A 233 13.39 -6.20 -19.93
CA VAL A 233 13.03 -5.40 -18.76
C VAL A 233 12.41 -6.29 -17.69
N LEU A 234 12.79 -6.08 -16.43
CA LEU A 234 12.21 -6.86 -15.34
C LEU A 234 10.95 -6.17 -14.84
N LEU A 235 9.88 -6.95 -14.69
CA LEU A 235 8.62 -6.40 -14.22
C LEU A 235 8.55 -6.57 -12.70
N ILE A 236 8.46 -5.45 -11.99
CA ILE A 236 8.38 -5.49 -10.53
C ILE A 236 7.01 -5.08 -10.05
N ALA A 237 6.26 -6.04 -9.52
CA ALA A 237 4.93 -5.77 -9.00
C ALA A 237 5.07 -5.38 -7.54
N ASP A 238 4.73 -4.13 -7.22
CA ASP A 238 4.83 -3.68 -5.83
C ASP A 238 3.52 -4.05 -5.16
N GLU A 239 3.54 -5.18 -4.46
CA GLU A 239 2.36 -5.69 -3.78
C GLU A 239 2.38 -5.43 -2.27
N VAL A 240 3.06 -4.38 -1.85
CA VAL A 240 3.12 -4.07 -0.43
C VAL A 240 1.71 -3.89 0.13
N MET A 241 0.85 -3.26 -0.67
CA MET A 241 -0.52 -3.02 -0.24
C MET A 241 -1.51 -4.07 -0.76
N THR A 242 -1.33 -4.53 -2.00
CA THR A 242 -2.25 -5.51 -2.57
C THR A 242 -1.95 -6.96 -2.19
N GLY A 243 -0.70 -7.22 -1.80
CA GLY A 243 -0.30 -8.57 -1.43
C GLY A 243 -1.11 -9.15 -0.28
N PHE A 244 -1.55 -10.40 -0.45
CA PHE A 244 -2.33 -11.12 0.56
C PHE A 244 -3.71 -10.47 0.82
N ARG A 245 -4.02 -9.37 0.08
CA ARG A 245 -5.28 -8.67 0.35
C ARG A 245 -6.37 -8.93 -0.71
N LEU A 246 -6.01 -8.73 -2.00
CA LEU A 246 -6.99 -8.92 -3.09
C LEU A 246 -7.32 -10.40 -3.37
N ALA A 247 -6.40 -11.23 -2.83
CA ALA A 247 -6.39 -12.69 -2.83
C ALA A 247 -5.19 -13.16 -1.97
N PHE A 248 -5.14 -14.47 -1.66
CA PHE A 248 -3.98 -14.95 -0.91
C PHE A 248 -2.71 -14.59 -1.68
N GLY A 249 -2.78 -14.75 -3.00
CA GLY A 249 -1.65 -14.46 -3.86
C GLY A 249 -1.67 -13.03 -4.40
N GLY A 250 -2.42 -12.16 -3.72
CA GLY A 250 -2.51 -10.77 -4.10
C GLY A 250 -3.04 -10.47 -5.50
N ALA A 251 -2.64 -9.30 -6.03
CA ALA A 251 -3.05 -8.89 -7.37
C ALA A 251 -2.45 -9.83 -8.41
N THR A 252 -1.29 -10.42 -8.09
CA THR A 252 -0.65 -11.33 -9.02
C THR A 252 -1.60 -12.49 -9.30
N GLU A 253 -2.24 -13.00 -8.25
CA GLU A 253 -3.19 -14.10 -8.40
C GLU A 253 -4.48 -13.60 -9.04
N LEU A 254 -5.02 -12.51 -8.50
CA LEU A 254 -6.27 -11.94 -9.00
C LEU A 254 -6.25 -11.56 -10.47
N LEU A 255 -5.20 -10.88 -10.90
CA LEU A 255 -5.08 -10.42 -12.28
C LEU A 255 -4.27 -11.36 -13.19
N GLY A 256 -3.71 -12.42 -12.62
CA GLY A 256 -2.92 -13.33 -13.41
C GLY A 256 -1.64 -12.71 -13.93
N LEU A 257 -0.97 -11.93 -13.08
CA LEU A 257 0.27 -11.28 -13.46
C LEU A 257 1.44 -12.26 -13.50
N LYS A 258 2.46 -11.91 -14.26
CA LYS A 258 3.68 -12.72 -14.37
C LYS A 258 4.87 -11.81 -14.11
N PRO A 259 5.02 -11.32 -12.87
CA PRO A 259 6.14 -10.45 -12.55
C PRO A 259 7.46 -11.19 -12.41
N ASP A 260 8.56 -10.44 -12.50
CA ASP A 260 9.89 -11.03 -12.34
C ASP A 260 10.30 -10.93 -10.87
N LEU A 261 9.80 -9.88 -10.22
CA LEU A 261 10.06 -9.64 -8.80
C LEU A 261 8.81 -9.05 -8.18
N VAL A 262 8.61 -9.32 -6.90
CA VAL A 262 7.47 -8.78 -6.19
C VAL A 262 7.96 -8.25 -4.85
N THR A 263 7.40 -7.11 -4.42
CA THR A 263 7.75 -6.56 -3.13
C THR A 263 6.50 -6.76 -2.28
N LEU A 264 6.71 -7.11 -1.02
CA LEU A 264 5.61 -7.38 -0.10
C LEU A 264 5.81 -6.65 1.22
N GLY A 265 4.73 -6.52 1.98
CA GLY A 265 4.79 -5.83 3.25
C GLY A 265 3.42 -5.80 3.91
N LYS A 266 3.23 -4.83 4.81
CA LYS A 266 1.97 -4.65 5.52
C LYS A 266 1.39 -5.95 6.09
N ILE A 267 0.47 -6.59 5.38
CA ILE A 267 -0.12 -7.84 5.88
C ILE A 267 0.95 -8.89 6.19
N LEU A 268 2.04 -8.84 5.43
CA LEU A 268 3.15 -9.78 5.62
C LEU A 268 3.65 -9.80 7.07
N GLY A 269 3.57 -8.65 7.74
CA GLY A 269 4.02 -8.56 9.12
C GLY A 269 2.89 -8.63 10.14
N GLY A 270 1.67 -8.88 9.66
CA GLY A 270 0.52 -8.99 10.55
C GLY A 270 0.26 -7.83 11.49
N GLY A 271 0.84 -6.67 11.19
CA GLY A 271 0.65 -5.52 12.05
C GLY A 271 1.96 -4.94 12.56
N LEU A 272 3.04 -5.71 12.42
CA LEU A 272 4.36 -5.26 12.86
C LEU A 272 5.22 -5.02 11.63
N PRO A 273 6.22 -4.13 11.75
CA PRO A 273 7.11 -3.81 10.62
C PRO A 273 7.80 -5.01 10.00
N ALA A 274 7.52 -5.23 8.72
CA ALA A 274 8.12 -6.33 7.97
C ALA A 274 7.80 -6.14 6.50
N ALA A 275 8.77 -6.45 5.64
CA ALA A 275 8.59 -6.31 4.20
C ALA A 275 9.51 -7.31 3.53
N ALA A 276 9.42 -7.41 2.20
CA ALA A 276 10.29 -8.34 1.51
C ALA A 276 10.28 -8.13 0.01
N TYR A 277 11.28 -8.70 -0.66
CA TYR A 277 11.35 -8.67 -2.11
C TYR A 277 11.67 -10.11 -2.46
N ALA A 278 11.07 -10.62 -3.53
CA ALA A 278 11.25 -12.02 -3.91
C ALA A 278 11.08 -12.26 -5.40
N GLY A 279 11.60 -13.39 -5.86
CA GLY A 279 11.50 -13.76 -7.26
C GLY A 279 12.19 -15.09 -7.52
N ARG A 280 12.36 -15.45 -8.80
CA ARG A 280 13.02 -16.71 -9.13
C ARG A 280 14.49 -16.69 -8.75
N ARG A 281 15.08 -17.87 -8.59
CA ARG A 281 16.47 -17.96 -8.18
C ARG A 281 17.50 -17.28 -9.09
N GLU A 282 17.33 -17.37 -10.40
CA GLU A 282 18.32 -16.77 -11.28
C GLU A 282 18.50 -15.27 -11.06
N ILE A 283 17.45 -14.60 -10.58
CA ILE A 283 17.55 -13.17 -10.30
C ILE A 283 17.97 -12.96 -8.84
N MET A 284 17.25 -13.59 -7.93
CA MET A 284 17.54 -13.45 -6.51
C MET A 284 18.93 -13.90 -6.07
N GLU A 285 19.58 -14.77 -6.84
CA GLU A 285 20.90 -15.23 -6.43
C GLU A 285 21.99 -14.17 -6.63
N LYS A 286 21.57 -13.00 -7.16
CA LYS A 286 22.52 -11.89 -7.29
C LYS A 286 22.67 -11.13 -5.97
N VAL A 287 21.76 -11.42 -5.03
CA VAL A 287 21.79 -10.72 -3.75
C VAL A 287 22.82 -11.31 -2.79
N ALA A 288 23.50 -10.44 -2.04
CA ALA A 288 24.48 -10.89 -1.05
C ALA A 288 23.74 -11.73 -0.03
N PRO A 289 24.38 -12.78 0.52
CA PRO A 289 25.75 -13.23 0.27
C PRO A 289 25.96 -14.11 -0.95
N LEU A 290 24.94 -14.30 -1.77
CA LEU A 290 25.07 -15.13 -2.97
C LEU A 290 25.70 -14.37 -4.14
N GLY A 291 25.36 -13.09 -4.27
CA GLY A 291 25.88 -12.31 -5.37
C GLY A 291 26.43 -10.94 -5.04
N PRO A 292 26.77 -10.14 -6.07
CA PRO A 292 27.33 -8.79 -5.97
C PRO A 292 26.37 -7.64 -5.62
N VAL A 293 25.07 -7.89 -5.58
CA VAL A 293 24.13 -6.83 -5.23
C VAL A 293 24.01 -6.81 -3.71
N TYR A 294 24.52 -5.75 -3.10
CA TYR A 294 24.50 -5.64 -1.64
C TYR A 294 23.24 -5.06 -1.02
N GLN A 295 22.82 -5.70 0.07
CA GLN A 295 21.66 -5.28 0.84
C GLN A 295 21.75 -5.98 2.19
N ALA A 296 21.56 -5.24 3.26
CA ALA A 296 21.62 -5.80 4.60
C ALA A 296 20.58 -5.13 5.48
N GLY A 297 20.31 -5.77 6.62
CA GLY A 297 19.34 -5.24 7.56
C GLY A 297 19.60 -5.92 8.88
N THR A 298 20.29 -5.22 9.77
CA THR A 298 20.65 -5.75 11.08
C THR A 298 19.50 -6.41 11.84
N LEU A 299 18.37 -5.73 11.94
CA LEU A 299 17.22 -6.25 12.67
C LEU A 299 16.11 -6.82 11.78
N SER A 300 16.45 -7.15 10.54
CA SER A 300 15.46 -7.71 9.61
C SER A 300 15.04 -9.09 10.10
N GLY A 301 13.83 -9.50 9.74
CA GLY A 301 13.33 -10.79 10.15
C GLY A 301 13.08 -10.85 11.65
N ASN A 302 12.64 -9.74 12.22
CA ASN A 302 12.36 -9.70 13.65
C ASN A 302 11.41 -10.81 14.05
N PRO A 303 11.75 -11.58 15.11
CA PRO A 303 10.94 -12.70 15.62
C PRO A 303 9.46 -12.38 15.77
N LEU A 304 9.14 -11.28 16.46
CA LEU A 304 7.74 -10.91 16.67
C LEU A 304 6.99 -10.64 15.36
N ALA A 305 7.64 -9.95 14.44
CA ALA A 305 7.01 -9.64 13.16
C ALA A 305 6.81 -10.92 12.33
N MET A 306 7.79 -11.81 12.36
CA MET A 306 7.69 -13.06 11.63
C MET A 306 6.53 -13.88 12.20
N ALA A 307 6.41 -13.87 13.52
CA ALA A 307 5.35 -14.63 14.20
C ALA A 307 3.97 -14.05 13.88
N ALA A 308 3.84 -12.72 13.94
CA ALA A 308 2.56 -12.08 13.65
C ALA A 308 2.17 -12.32 12.19
N GLY A 309 3.15 -12.22 11.31
CA GLY A 309 2.90 -12.43 9.90
C GLY A 309 2.56 -13.88 9.60
N LEU A 310 3.26 -14.80 10.25
CA LEU A 310 3.00 -16.22 10.03
C LEU A 310 1.59 -16.58 10.49
N ALA A 311 1.20 -16.09 11.66
CA ALA A 311 -0.14 -16.39 12.17
C ALA A 311 -1.20 -15.80 11.23
N THR A 312 -0.91 -14.62 10.70
CA THR A 312 -1.83 -13.95 9.79
C THR A 312 -1.98 -14.69 8.47
N LEU A 313 -0.85 -15.02 7.84
CA LEU A 313 -0.90 -15.74 6.57
C LEU A 313 -1.50 -17.12 6.72
N GLU A 314 -1.29 -17.77 7.87
CA GLU A 314 -1.87 -19.10 8.06
C GLU A 314 -3.40 -18.99 8.06
N LEU A 315 -3.92 -17.97 8.73
CA LEU A 315 -5.36 -17.77 8.79
C LEU A 315 -5.96 -17.49 7.41
N LEU A 316 -5.28 -16.66 6.63
CA LEU A 316 -5.76 -16.32 5.29
C LEU A 316 -5.73 -17.56 4.39
N GLU A 317 -4.65 -18.33 4.48
CA GLU A 317 -4.52 -19.54 3.67
C GLU A 317 -5.57 -20.57 4.09
N GLU A 318 -5.88 -20.59 5.39
CA GLU A 318 -6.86 -21.52 5.95
C GLU A 318 -8.31 -21.11 5.67
N ASN A 319 -8.51 -19.84 5.32
CA ASN A 319 -9.87 -19.33 5.07
C ASN A 319 -10.05 -18.56 3.76
N PRO A 320 -9.98 -19.26 2.62
CA PRO A 320 -10.16 -18.58 1.34
C PRO A 320 -11.48 -17.81 1.28
N GLY A 321 -12.46 -18.26 2.04
CA GLY A 321 -13.75 -17.59 2.08
C GLY A 321 -13.68 -16.16 2.57
N TYR A 322 -12.60 -15.81 3.29
CA TYR A 322 -12.46 -14.45 3.79
C TYR A 322 -12.43 -13.44 2.63
N TYR A 323 -11.83 -13.84 1.52
CA TYR A 323 -11.74 -12.96 0.36
C TYR A 323 -13.09 -12.74 -0.31
N ALA A 324 -13.94 -13.76 -0.31
CA ALA A 324 -15.27 -13.64 -0.89
C ALA A 324 -16.12 -12.76 0.01
N TYR A 325 -15.92 -12.88 1.32
CA TYR A 325 -16.65 -12.07 2.29
C TYR A 325 -16.32 -10.60 2.10
N LEU A 326 -15.02 -10.30 1.96
CA LEU A 326 -14.58 -8.93 1.77
C LEU A 326 -15.12 -8.36 0.45
N GLU A 327 -15.14 -9.18 -0.59
CA GLU A 327 -15.64 -8.76 -1.90
C GLU A 327 -17.12 -8.39 -1.80
N ASP A 328 -17.91 -9.22 -1.13
CA ASP A 328 -19.34 -8.95 -0.98
C ASP A 328 -19.60 -7.72 -0.13
N LEU A 329 -18.84 -7.55 0.95
CA LEU A 329 -19.02 -6.40 1.82
C LEU A 329 -18.56 -5.14 1.08
N GLY A 330 -17.51 -5.29 0.27
CA GLY A 330 -17.01 -4.17 -0.49
C GLY A 330 -18.01 -3.76 -1.56
N ALA A 331 -18.65 -4.75 -2.19
CA ALA A 331 -19.64 -4.47 -3.22
C ALA A 331 -20.79 -3.67 -2.61
N ARG A 332 -21.20 -4.06 -1.40
CA ARG A 332 -22.28 -3.38 -0.69
C ARG A 332 -21.92 -1.94 -0.35
N LEU A 333 -20.69 -1.71 0.10
CA LEU A 333 -20.25 -0.36 0.45
C LEU A 333 -20.17 0.53 -0.79
N GLU A 334 -19.67 -0.02 -1.89
CA GLU A 334 -19.54 0.72 -3.14
C GLU A 334 -20.92 1.13 -3.67
N ALA A 335 -21.84 0.18 -3.71
CA ALA A 335 -23.20 0.45 -4.20
C ALA A 335 -23.86 1.48 -3.29
N GLY A 336 -23.69 1.30 -1.98
CA GLY A 336 -24.27 2.22 -1.03
C GLY A 336 -23.74 3.64 -1.15
N LEU A 337 -22.43 3.77 -1.36
CA LEU A 337 -21.82 5.08 -1.49
C LEU A 337 -22.34 5.80 -2.74
N LYS A 338 -22.47 5.05 -3.84
CA LYS A 338 -22.98 5.64 -5.08
C LYS A 338 -24.39 6.14 -4.88
N GLU A 339 -25.23 5.32 -4.26
CA GLU A 339 -26.62 5.68 -4.00
C GLU A 339 -26.73 6.97 -3.20
N VAL A 340 -26.05 7.01 -2.06
CA VAL A 340 -26.08 8.18 -1.20
C VAL A 340 -25.56 9.45 -1.87
N LEU A 341 -24.43 9.34 -2.57
CA LEU A 341 -23.85 10.49 -3.23
C LEU A 341 -24.69 10.97 -4.40
N LYS A 342 -25.34 10.04 -5.08
CA LYS A 342 -26.17 10.39 -6.22
C LYS A 342 -27.39 11.15 -5.69
N GLU A 343 -27.92 10.69 -4.56
CA GLU A 343 -29.08 11.31 -3.93
C GLU A 343 -28.74 12.73 -3.49
N LYS A 344 -27.48 12.95 -3.12
CA LYS A 344 -27.02 14.26 -2.68
C LYS A 344 -26.67 15.15 -3.87
N GLY A 345 -26.70 14.58 -5.06
CA GLY A 345 -26.38 15.34 -6.26
C GLY A 345 -24.94 15.80 -6.30
N LEU A 346 -24.05 15.02 -5.70
CA LEU A 346 -22.63 15.36 -5.68
C LEU A 346 -21.86 14.58 -6.74
N PRO A 347 -20.90 15.24 -7.41
CA PRO A 347 -20.11 14.57 -8.45
C PRO A 347 -19.23 13.54 -7.76
N HIS A 348 -19.22 12.32 -8.27
CA HIS A 348 -18.41 11.27 -7.65
C HIS A 348 -18.08 10.11 -8.56
N THR A 349 -17.01 9.41 -8.20
CA THR A 349 -16.56 8.22 -8.90
C THR A 349 -15.98 7.34 -7.80
N VAL A 350 -16.52 6.15 -7.65
CA VAL A 350 -16.05 5.24 -6.63
C VAL A 350 -15.32 4.06 -7.26
N ASN A 351 -14.02 3.99 -7.01
CA ASN A 351 -13.19 2.91 -7.54
C ASN A 351 -12.94 1.92 -6.41
N ARG A 352 -13.08 0.63 -6.72
CA ARG A 352 -12.87 -0.41 -5.73
C ARG A 352 -12.39 -1.71 -6.34
N VAL A 353 -11.56 -2.42 -5.59
CA VAL A 353 -11.08 -3.73 -5.99
C VAL A 353 -11.02 -4.46 -4.65
N GLY A 354 -11.87 -5.47 -4.49
CA GLY A 354 -11.90 -6.20 -3.24
C GLY A 354 -12.16 -5.26 -2.06
N SER A 355 -11.27 -5.29 -1.08
CA SER A 355 -11.39 -4.48 0.13
C SER A 355 -10.76 -3.10 0.08
N MET A 356 -10.27 -2.69 -1.09
CA MET A 356 -9.65 -1.38 -1.27
C MET A 356 -10.63 -0.48 -2.01
N ILE A 357 -10.92 0.68 -1.43
CA ILE A 357 -11.89 1.57 -2.05
C ILE A 357 -11.58 3.05 -1.85
N THR A 358 -11.91 3.85 -2.85
CA THR A 358 -11.69 5.29 -2.77
C THR A 358 -12.87 6.02 -3.41
N VAL A 359 -13.26 7.12 -2.79
CA VAL A 359 -14.34 7.95 -3.32
C VAL A 359 -13.70 9.21 -3.88
N PHE A 360 -13.79 9.39 -5.20
CA PHE A 360 -13.24 10.56 -5.86
C PHE A 360 -14.42 11.51 -6.11
N PHE A 361 -14.23 12.79 -5.80
CA PHE A 361 -15.29 13.76 -6.00
C PHE A 361 -15.10 14.51 -7.30
N THR A 362 -15.36 13.79 -8.40
CA THR A 362 -15.26 14.32 -9.74
C THR A 362 -16.02 13.33 -10.61
N GLU A 363 -16.52 13.78 -11.75
CA GLU A 363 -17.26 12.89 -12.62
C GLU A 363 -16.30 11.85 -13.21
N GLY A 364 -16.76 10.61 -13.29
CA GLY A 364 -15.91 9.56 -13.80
C GLY A 364 -15.64 9.57 -15.29
N PRO A 365 -14.78 8.66 -15.77
CA PRO A 365 -14.10 7.68 -14.92
C PRO A 365 -12.73 8.18 -14.46
N VAL A 366 -12.20 7.58 -13.39
CA VAL A 366 -10.89 7.93 -12.86
C VAL A 366 -9.99 6.73 -13.19
N VAL A 367 -9.12 6.93 -14.19
CA VAL A 367 -8.23 5.88 -14.67
C VAL A 367 -6.75 6.20 -14.51
N THR A 368 -6.38 7.45 -14.77
CA THR A 368 -5.00 7.89 -14.67
C THR A 368 -4.82 8.80 -13.46
N PHE A 369 -3.58 9.16 -13.15
CA PHE A 369 -3.34 10.03 -12.02
C PHE A 369 -3.90 11.40 -12.36
N GLN A 370 -3.83 11.77 -13.64
CA GLN A 370 -4.36 13.06 -14.07
C GLN A 370 -5.84 13.11 -13.70
N ASP A 371 -6.56 12.02 -13.97
CA ASP A 371 -7.99 11.97 -13.64
C ASP A 371 -8.18 12.14 -12.14
N ALA A 372 -7.37 11.44 -11.36
CA ALA A 372 -7.46 11.48 -9.91
C ALA A 372 -7.30 12.89 -9.34
N ARG A 373 -6.37 13.65 -9.91
CA ARG A 373 -6.11 15.01 -9.44
C ARG A 373 -7.29 15.97 -9.65
N ARG A 374 -8.30 15.53 -10.36
CA ARG A 374 -9.47 16.36 -10.60
C ARG A 374 -10.43 16.32 -9.41
N THR A 375 -10.17 15.42 -8.47
CA THR A 375 -11.06 15.30 -7.31
C THR A 375 -11.11 16.60 -6.50
N ASP A 376 -12.32 16.95 -6.06
CA ASP A 376 -12.55 18.16 -5.27
C ASP A 376 -12.18 17.88 -3.82
N THR A 377 -10.98 18.31 -3.43
CA THR A 377 -10.49 18.08 -2.08
C THR A 377 -11.26 18.87 -1.02
N GLU A 378 -11.96 19.92 -1.43
CA GLU A 378 -12.75 20.69 -0.49
C GLU A 378 -13.97 19.87 -0.10
N LEU A 379 -14.54 19.19 -1.09
CA LEU A 379 -15.70 18.35 -0.82
C LEU A 379 -15.24 17.16 -0.01
N PHE A 380 -14.03 16.67 -0.29
CA PHE A 380 -13.51 15.53 0.47
C PHE A 380 -13.43 15.89 1.95
N LYS A 381 -13.00 17.12 2.24
CA LYS A 381 -12.90 17.58 3.62
C LYS A 381 -14.26 17.43 4.31
N ARG A 382 -15.31 17.89 3.63
CA ARG A 382 -16.67 17.80 4.15
C ARG A 382 -17.04 16.34 4.39
N PHE A 383 -16.69 15.51 3.43
CA PHE A 383 -16.95 14.07 3.49
C PHE A 383 -16.20 13.47 4.68
N PHE A 384 -14.92 13.80 4.78
CA PHE A 384 -14.07 13.29 5.86
C PHE A 384 -14.54 13.68 7.26
N HIS A 385 -14.69 14.98 7.49
CA HIS A 385 -15.12 15.45 8.80
C HIS A 385 -16.55 15.08 9.16
N GLY A 386 -17.40 14.93 8.16
CA GLY A 386 -18.77 14.54 8.44
C GLY A 386 -18.75 13.15 9.02
N LEU A 387 -17.86 12.31 8.48
CA LEU A 387 -17.73 10.94 8.96
C LEU A 387 -17.04 10.88 10.33
N LEU A 388 -15.96 11.63 10.48
CA LEU A 388 -15.21 11.64 11.73
C LEU A 388 -16.05 12.11 12.93
N ASP A 389 -16.84 13.15 12.73
CA ASP A 389 -17.68 13.67 13.81
C ASP A 389 -18.76 12.69 14.20
N ARG A 390 -19.01 11.71 13.35
CA ARG A 390 -20.02 10.70 13.63
C ARG A 390 -19.42 9.32 13.93
N GLY A 391 -18.19 9.32 14.41
CA GLY A 391 -17.53 8.07 14.76
C GLY A 391 -17.07 7.15 13.66
N ILE A 392 -16.74 7.70 12.49
CA ILE A 392 -16.26 6.89 11.38
C ILE A 392 -14.94 7.50 10.93
N TYR A 393 -13.88 6.68 11.04
CA TYR A 393 -12.50 7.06 10.74
C TYR A 393 -12.07 6.64 9.34
N TRP A 394 -12.08 7.59 8.41
CA TRP A 394 -11.71 7.35 7.00
C TRP A 394 -10.32 7.92 6.76
N PRO A 395 -9.59 7.42 5.75
CA PRO A 395 -8.25 7.95 5.49
C PRO A 395 -8.33 9.49 5.36
N PRO A 396 -7.44 10.22 6.07
CA PRO A 396 -7.42 11.69 6.02
C PRO A 396 -6.78 12.31 4.77
N SER A 397 -7.16 11.79 3.61
CA SER A 397 -6.67 12.28 2.32
C SER A 397 -7.45 11.60 1.22
N ASN A 398 -7.80 12.36 0.19
CA ASN A 398 -8.59 11.83 -0.92
C ASN A 398 -7.74 10.85 -1.75
N PHE A 399 -6.42 11.03 -1.70
CA PHE A 399 -5.51 10.19 -2.46
C PHE A 399 -5.03 8.98 -1.66
N GLU A 400 -6.00 8.24 -1.12
CA GLU A 400 -5.72 7.06 -0.31
C GLU A 400 -6.85 6.07 -0.50
N ALA A 401 -6.53 4.79 -0.39
CA ALA A 401 -7.55 3.76 -0.47
C ALA A 401 -8.00 3.51 0.96
N ALA A 402 -9.29 3.25 1.14
CA ALA A 402 -9.80 2.93 2.47
C ALA A 402 -9.76 1.41 2.49
N PHE A 403 -9.72 0.82 3.68
CA PHE A 403 -9.64 -0.63 3.77
C PHE A 403 -10.75 -1.28 4.59
N LEU A 404 -11.19 -2.43 4.13
CA LEU A 404 -12.20 -3.21 4.84
C LEU A 404 -11.39 -4.33 5.48
N SER A 405 -11.90 -4.90 6.56
CA SER A 405 -11.23 -6.01 7.23
C SER A 405 -12.28 -7.09 7.40
N VAL A 406 -11.84 -8.31 7.68
CA VAL A 406 -12.76 -9.42 7.87
C VAL A 406 -13.63 -9.18 9.12
N ALA A 407 -13.19 -8.26 9.97
CA ALA A 407 -13.91 -7.92 11.19
C ALA A 407 -15.09 -6.98 10.92
N HIS A 408 -15.05 -6.27 9.80
CA HIS A 408 -16.14 -5.36 9.45
C HIS A 408 -17.38 -6.17 9.12
N ARG A 409 -18.55 -5.65 9.45
CA ARG A 409 -19.80 -6.34 9.19
C ARG A 409 -20.77 -5.50 8.38
N GLU A 410 -21.80 -6.15 7.84
CA GLU A 410 -22.81 -5.45 7.06
C GLU A 410 -23.38 -4.26 7.82
N GLU A 411 -23.62 -4.43 9.12
CA GLU A 411 -24.17 -3.33 9.91
C GLU A 411 -23.22 -2.14 9.98
N ASP A 412 -21.92 -2.39 9.87
CA ASP A 412 -20.94 -1.30 9.91
C ASP A 412 -21.06 -0.48 8.64
N VAL A 413 -21.26 -1.17 7.51
CA VAL A 413 -21.41 -0.47 6.24
C VAL A 413 -22.67 0.38 6.30
N GLU A 414 -23.76 -0.20 6.79
CA GLU A 414 -25.02 0.54 6.88
C GLU A 414 -24.90 1.78 7.77
N LYS A 415 -24.15 1.67 8.87
CA LYS A 415 -23.98 2.82 9.76
C LYS A 415 -23.18 3.89 9.05
N THR A 416 -22.29 3.48 8.15
CA THR A 416 -21.47 4.42 7.40
C THR A 416 -22.34 5.18 6.41
N LEU A 417 -23.21 4.47 5.72
CA LEU A 417 -24.11 5.10 4.74
C LEU A 417 -25.05 6.07 5.44
N GLU A 418 -25.56 5.67 6.60
CA GLU A 418 -26.48 6.51 7.36
C GLU A 418 -25.77 7.78 7.83
N ALA A 419 -24.54 7.62 8.29
CA ALA A 419 -23.76 8.76 8.76
C ALA A 419 -23.59 9.77 7.63
N LEU A 420 -23.43 9.28 6.41
CA LEU A 420 -23.26 10.15 5.25
C LEU A 420 -24.57 10.85 4.88
N ARG A 421 -25.68 10.12 4.94
CA ARG A 421 -26.97 10.71 4.62
C ARG A 421 -27.26 11.91 5.52
N LYS A 422 -26.82 11.82 6.76
CA LYS A 422 -27.02 12.89 7.73
C LYS A 422 -25.96 13.97 7.68
N ALA A 423 -24.73 13.58 7.34
CA ALA A 423 -23.62 14.52 7.28
C ALA A 423 -23.63 15.44 6.06
N LEU A 424 -23.91 14.86 4.89
CA LEU A 424 -23.93 15.65 3.66
C LEU A 424 -25.32 16.13 3.28
#